data_6Z30
#
_entry.id   6Z30
#
_cell.length_a   40.360
_cell.length_b   55.830
_cell.length_c   132.660
_cell.angle_alpha   90.00
_cell.angle_beta   90.00
_cell.angle_gamma   90.00
#
_symmetry.space_group_name_H-M   'P 21 21 21'
#
loop_
_entity.id
_entity.type
_entity.pdbx_description
1 polymer 'Cation-independent mannose-6-phosphate receptor'
2 branched alpha-D-mannopyranose-(1-3)-alpha-D-mannopyranose-(1-6)-[alpha-D-mannopyranose-(1-3)]beta-D-mannopyranose-(1-4)-2-acetamido-2-deoxy-beta-D-glucopyranose-(1-4)-2-acetamido-2-deoxy-beta-D-glucopyranose
3 water water
#
_entity_poly.entity_id   1
_entity_poly.type   'polypeptide(L)'
_entity_poly.pdbx_seq_one_letter_code
;ETGASVEGDNCEVKDPRHGNLYDLKPLGLNDTIVSAGEYTYYFRVCGKLSSDVCPTSDKSKVVSSCQEKREPQGFHKVAG
LLTQKLTYENGLLKMNFTGGDTCHKVYQRSTAIFFYCDRGTQRPVFLKETSDCSYLFEWRTQYACPPFDLTECSFKDGAG
NSFDLSSLSRYSDNWEAITGTGDPEHYLINVCKSLAPQAGTEPCPPEAAACLLGGSKPVNLGRVRDGPQWRDGIIVLKYV
DGDLCPDGIRKKSTTIRFTCSESQVNSRPMFISAVEDCEYTFAWPTATACPMKSTRHHHHHH
;
_entity_poly.pdbx_strand_id   A
#
# COMPACT_ATOMS: atom_id res chain seq x y z
N ASP A 9 -1.01 3.91 -22.38
CA ASP A 9 -0.04 3.38 -23.34
C ASP A 9 1.31 3.12 -22.63
N ASN A 10 2.02 2.09 -23.12
CA ASN A 10 3.41 1.73 -22.82
C ASN A 10 3.68 1.22 -21.40
N CYS A 11 2.65 0.80 -20.65
CA CYS A 11 2.83 0.15 -19.34
C CYS A 11 3.43 1.08 -18.29
N GLU A 12 3.30 2.39 -18.48
CA GLU A 12 3.84 3.38 -17.56
C GLU A 12 2.80 4.46 -17.30
N VAL A 13 2.93 5.12 -16.15
CA VAL A 13 2.16 6.30 -15.82
C VAL A 13 2.94 7.10 -14.78
N LYS A 14 2.86 8.41 -14.88
CA LYS A 14 3.56 9.28 -13.95
C LYS A 14 2.73 9.50 -12.70
N ASP A 15 3.40 9.54 -11.54
CA ASP A 15 2.75 9.92 -10.30
C ASP A 15 2.60 11.44 -10.28
N PRO A 16 1.38 11.99 -10.21
CA PRO A 16 1.22 13.45 -10.23
C PRO A 16 1.64 14.15 -8.95
N ARG A 17 1.78 13.43 -7.83
CA ARG A 17 2.15 14.03 -6.56
C ARG A 17 3.63 13.92 -6.26
N HIS A 18 4.26 12.81 -6.66
CA HIS A 18 5.68 12.58 -6.41
C HIS A 18 6.55 12.76 -7.64
N GLY A 19 5.97 12.73 -8.84
CA GLY A 19 6.72 12.97 -10.06
C GLY A 19 7.48 11.77 -10.60
N ASN A 20 7.55 10.68 -9.85
CA ASN A 20 8.24 9.49 -10.33
C ASN A 20 7.42 8.80 -11.41
N LEU A 21 8.07 7.93 -12.20
CA LEU A 21 7.34 7.24 -13.30
C LEU A 21 7.20 5.74 -13.03
N TYR A 22 5.98 5.28 -12.76
CA TYR A 22 5.70 3.86 -12.56
C TYR A 22 5.88 3.15 -13.89
N ASP A 23 6.63 2.06 -13.89
CA ASP A 23 6.93 1.29 -15.08
C ASP A 23 6.81 -0.18 -14.69
N LEU A 24 5.71 -0.82 -15.10
CA LEU A 24 5.43 -2.18 -14.69
C LEU A 24 5.84 -3.21 -15.74
N LYS A 25 6.58 -2.80 -16.77
CA LYS A 25 7.05 -3.76 -17.76
C LYS A 25 7.80 -4.94 -17.17
N PRO A 26 8.63 -4.80 -16.12
CA PRO A 26 9.29 -5.99 -15.57
C PRO A 26 8.33 -7.04 -15.03
N LEU A 27 7.07 -6.68 -14.76
CA LEU A 27 6.10 -7.68 -14.32
C LEU A 27 5.47 -8.47 -15.47
N GLY A 28 5.77 -8.10 -16.72
CA GLY A 28 5.22 -8.78 -17.88
C GLY A 28 6.22 -9.65 -18.61
N LEU A 29 7.28 -10.07 -17.92
CA LEU A 29 8.29 -10.91 -18.55
C LEU A 29 7.74 -12.28 -18.93
N ASN A 30 6.83 -12.82 -18.11
CA ASN A 30 6.22 -14.11 -18.35
C ASN A 30 4.73 -13.99 -18.05
N ASP A 31 3.97 -15.00 -18.47
CA ASP A 31 2.59 -15.11 -18.02
C ASP A 31 2.56 -15.19 -16.50
N THR A 32 1.54 -14.60 -15.90
CA THR A 32 1.29 -14.73 -14.48
C THR A 32 0.14 -15.71 -14.28
N ILE A 33 0.32 -16.66 -13.37
CA ILE A 33 -0.64 -17.73 -13.14
C ILE A 33 -1.08 -17.69 -11.70
N VAL A 34 -2.39 -17.60 -11.48
CA VAL A 34 -2.96 -17.46 -10.14
C VAL A 34 -4.05 -18.50 -9.96
N SER A 35 -3.92 -19.34 -8.94
CA SER A 35 -4.96 -20.30 -8.63
C SER A 35 -5.96 -19.67 -7.67
N ALA A 36 -7.24 -19.97 -7.88
CA ALA A 36 -8.30 -19.44 -7.03
C ALA A 36 -9.41 -20.48 -7.01
N GLY A 37 -9.43 -21.31 -5.97
CA GLY A 37 -10.42 -22.38 -5.90
C GLY A 37 -10.28 -23.30 -7.11
N GLU A 38 -11.40 -23.52 -7.79
CA GLU A 38 -11.42 -24.44 -8.91
C GLU A 38 -10.90 -23.84 -10.20
N TYR A 39 -10.55 -22.55 -10.18
CA TYR A 39 -10.07 -21.81 -11.34
C TYR A 39 -8.56 -21.62 -11.30
N THR A 40 -7.98 -21.55 -12.49
CA THR A 40 -6.66 -20.97 -12.69
C THR A 40 -6.79 -19.77 -13.63
N TYR A 41 -6.29 -18.62 -13.20
CA TYR A 41 -6.27 -17.40 -14.00
C TYR A 41 -4.87 -17.20 -14.59
N TYR A 42 -4.82 -16.85 -15.86
CA TYR A 42 -3.60 -16.54 -16.58
C TYR A 42 -3.71 -15.10 -17.05
N PHE A 43 -2.70 -14.28 -16.78
CA PHE A 43 -2.69 -12.97 -17.42
C PHE A 43 -1.25 -12.52 -17.63
N ARG A 44 -1.06 -11.68 -18.63
CA ARG A 44 0.25 -11.14 -18.97
C ARG A 44 0.20 -9.61 -18.89
N VAL A 45 0.95 -9.05 -17.94
CA VAL A 45 1.02 -7.61 -17.80
C VAL A 45 1.55 -7.00 -19.09
N CYS A 46 0.73 -6.13 -19.71
CA CYS A 46 1.10 -5.35 -20.89
C CYS A 46 1.58 -6.22 -22.07
N GLY A 47 1.05 -7.45 -22.18
CA GLY A 47 1.43 -8.29 -23.29
C GLY A 47 0.40 -9.36 -23.57
N LYS A 48 0.66 -10.13 -24.62
CA LYS A 48 -0.17 -11.25 -25.01
C LYS A 48 0.21 -12.49 -24.20
N LEU A 49 -0.80 -13.29 -23.84
CA LEU A 49 -0.57 -14.58 -23.20
C LEU A 49 0.23 -15.49 -24.12
N SER A 50 1.28 -16.10 -23.57
CA SER A 50 2.01 -17.13 -24.30
C SER A 50 1.49 -18.53 -23.99
N SER A 51 0.75 -18.69 -22.89
CA SER A 51 0.19 -19.99 -22.52
C SER A 51 -0.83 -20.45 -23.55
N ASP A 52 -0.92 -21.77 -23.71
CA ASP A 52 -1.82 -22.41 -24.66
C ASP A 52 -3.21 -22.55 -24.05
N VAL A 53 -3.86 -21.40 -23.86
CA VAL A 53 -5.20 -21.33 -23.25
C VAL A 53 -6.02 -20.30 -24.01
N CYS A 54 -7.33 -20.34 -23.78
CA CYS A 54 -8.26 -19.36 -24.34
C CYS A 54 -8.09 -19.11 -25.84
N PRO A 55 -8.23 -20.15 -26.68
CA PRO A 55 -8.12 -19.92 -28.12
C PRO A 55 -9.28 -19.09 -28.64
N THR A 56 -8.98 -18.28 -29.65
CA THR A 56 -10.00 -17.44 -30.29
C THR A 56 -9.82 -17.52 -31.79
N SER A 57 -10.91 -17.85 -32.50
CA SER A 57 -10.85 -17.77 -33.95
C SER A 57 -10.97 -16.33 -34.43
N ASP A 58 -11.29 -15.41 -33.53
CA ASP A 58 -11.32 -13.98 -33.90
C ASP A 58 -9.90 -13.45 -33.81
N LYS A 59 -9.23 -13.29 -34.95
CA LYS A 59 -7.84 -12.76 -34.96
C LYS A 59 -7.70 -11.33 -34.41
N SER A 60 -8.63 -10.39 -34.58
CA SER A 60 -8.36 -9.05 -34.15
C SER A 60 -8.27 -8.96 -32.65
N LYS A 61 -8.70 -10.01 -31.95
CA LYS A 61 -8.55 -10.08 -30.51
C LYS A 61 -7.19 -10.66 -30.14
N VAL A 62 -6.51 -10.00 -29.21
CA VAL A 62 -5.26 -10.50 -28.66
C VAL A 62 -5.53 -10.75 -27.19
N VAL A 63 -5.50 -12.01 -26.79
CA VAL A 63 -5.93 -12.40 -25.45
C VAL A 63 -4.78 -12.20 -24.46
N SER A 64 -5.05 -11.47 -23.40
CA SER A 64 -4.09 -11.21 -22.34
C SER A 64 -4.49 -11.75 -20.99
N SER A 65 -5.73 -12.19 -20.82
CA SER A 65 -6.19 -12.75 -19.56
C SER A 65 -7.18 -13.86 -19.84
N CYS A 66 -7.04 -14.95 -19.10
CA CYS A 66 -7.85 -16.16 -19.33
C CYS A 66 -8.28 -16.73 -18.00
N GLN A 67 -9.57 -17.06 -17.89
CA GLN A 67 -10.09 -17.82 -16.75
C GLN A 67 -10.28 -19.26 -17.17
N GLU A 68 -9.62 -20.18 -16.46
CA GLU A 68 -9.76 -21.61 -16.72
C GLU A 68 -10.40 -22.30 -15.52
N LYS A 69 -11.59 -22.85 -15.71
CA LYS A 69 -12.08 -23.85 -14.79
C LYS A 69 -11.34 -25.15 -15.13
N ARG A 70 -10.54 -25.64 -14.21
CA ARG A 70 -9.73 -26.81 -14.52
C ARG A 70 -10.63 -28.04 -14.71
N GLU A 71 -10.10 -29.03 -15.42
CA GLU A 71 -10.85 -30.27 -15.56
C GLU A 71 -10.98 -30.94 -14.19
N PRO A 72 -12.03 -31.76 -13.97
CA PRO A 72 -13.06 -32.24 -14.91
C PRO A 72 -14.14 -31.19 -15.18
N GLN A 73 -14.87 -31.37 -16.28
CA GLN A 73 -15.91 -30.42 -16.72
C GLN A 73 -15.36 -29.00 -16.76
N GLY A 74 -14.19 -28.87 -17.37
CA GLY A 74 -13.52 -27.60 -17.46
C GLY A 74 -13.99 -26.72 -18.61
N PHE A 75 -13.55 -25.47 -18.56
CA PHE A 75 -13.83 -24.54 -19.65
C PHE A 75 -12.81 -23.41 -19.57
N HIS A 76 -12.69 -22.66 -20.66
CA HIS A 76 -11.89 -21.45 -20.73
C HIS A 76 -12.79 -20.29 -21.11
N LYS A 77 -12.62 -19.15 -20.44
CA LYS A 77 -13.29 -17.91 -20.80
C LYS A 77 -12.23 -16.84 -20.99
N VAL A 78 -12.28 -16.15 -22.13
CA VAL A 78 -11.43 -14.97 -22.30
C VAL A 78 -11.82 -13.94 -21.24
N ALA A 79 -10.84 -13.49 -20.46
CA ALA A 79 -11.09 -12.58 -19.35
C ALA A 79 -10.50 -11.21 -19.58
N GLY A 80 -9.92 -10.94 -20.75
CA GLY A 80 -9.39 -9.63 -21.06
C GLY A 80 -8.47 -9.67 -22.25
N LEU A 81 -8.44 -8.58 -23.01
CA LEU A 81 -7.64 -8.43 -24.22
C LEU A 81 -6.45 -7.52 -23.95
N LEU A 82 -5.55 -7.49 -24.92
CA LEU A 82 -4.29 -6.77 -24.79
C LEU A 82 -4.50 -5.30 -24.47
N THR A 83 -3.79 -4.82 -23.46
CA THR A 83 -3.69 -3.39 -23.18
C THR A 83 -2.32 -3.10 -22.57
N GLN A 84 -1.82 -1.90 -22.84
CA GLN A 84 -0.65 -1.39 -22.12
C GLN A 84 -0.99 -0.16 -21.30
N LYS A 85 -2.28 0.06 -21.06
CA LYS A 85 -2.75 1.20 -20.29
C LYS A 85 -2.65 0.92 -18.80
N LEU A 86 -1.87 1.74 -18.11
CA LEU A 86 -1.80 1.75 -16.66
C LEU A 86 -2.32 3.10 -16.17
N THR A 87 -3.31 3.08 -15.29
CA THR A 87 -3.91 4.30 -14.78
C THR A 87 -3.50 4.55 -13.34
N TYR A 88 -3.40 5.83 -13.00
CA TYR A 88 -3.23 6.28 -11.63
C TYR A 88 -4.40 7.23 -11.37
N GLU A 89 -5.34 6.79 -10.56
CA GLU A 89 -6.55 7.57 -10.32
C GLU A 89 -6.70 7.76 -8.82
N ASN A 90 -6.59 9.02 -8.39
CA ASN A 90 -6.70 9.41 -6.99
C ASN A 90 -5.94 8.46 -6.07
N GLY A 91 -4.67 8.26 -6.41
CA GLY A 91 -3.75 7.50 -5.58
C GLY A 91 -3.70 6.00 -5.83
N LEU A 92 -4.46 5.47 -6.79
CA LEU A 92 -4.57 4.03 -7.02
C LEU A 92 -4.03 3.68 -8.40
N LEU A 93 -3.06 2.76 -8.44
CA LEU A 93 -2.51 2.20 -9.67
C LEU A 93 -3.33 0.99 -10.08
N LYS A 94 -3.82 1.00 -11.33
CA LYS A 94 -4.70 -0.06 -11.82
C LYS A 94 -4.39 -0.37 -13.27
N MET A 95 -4.57 -1.62 -13.64
CA MET A 95 -4.57 -2.07 -15.02
C MET A 95 -5.83 -2.88 -15.25
N ASN A 96 -6.58 -2.56 -16.30
CA ASN A 96 -7.84 -3.26 -16.57
C ASN A 96 -7.79 -3.83 -17.99
N PHE A 97 -7.69 -5.16 -18.08
CA PHE A 97 -7.83 -5.88 -19.35
C PHE A 97 -9.31 -6.02 -19.67
N THR A 98 -9.80 -5.36 -20.72
CA THR A 98 -11.22 -5.37 -21.05
C THR A 98 -11.51 -6.26 -22.27
N GLY A 99 -12.80 -6.40 -22.57
CA GLY A 99 -13.22 -6.99 -23.82
C GLY A 99 -13.29 -8.50 -23.84
N GLY A 100 -13.44 -9.13 -22.68
CA GLY A 100 -13.53 -10.58 -22.60
C GLY A 100 -14.88 -11.12 -23.04
N ASP A 101 -15.06 -12.42 -22.79
CA ASP A 101 -16.23 -13.14 -23.28
C ASP A 101 -17.50 -12.64 -22.58
N THR A 102 -18.60 -12.66 -23.34
CA THR A 102 -19.89 -12.16 -22.88
C THR A 102 -20.33 -12.87 -21.60
N CYS A 103 -20.92 -12.09 -20.68
CA CYS A 103 -21.22 -12.55 -19.34
C CYS A 103 -22.56 -11.96 -18.92
N HIS A 104 -23.49 -12.81 -18.48
CA HIS A 104 -24.85 -12.39 -18.13
C HIS A 104 -25.48 -11.55 -19.24
N LYS A 105 -25.19 -11.93 -20.48
CA LYS A 105 -25.72 -11.33 -21.70
C LYS A 105 -25.22 -9.92 -21.96
N VAL A 106 -25.22 -9.06 -20.94
CA VAL A 106 -25.00 -7.63 -21.16
C VAL A 106 -23.59 -7.17 -20.80
N TYR A 107 -22.78 -8.01 -20.19
CA TYR A 107 -21.43 -7.65 -19.78
C TYR A 107 -20.40 -8.35 -20.65
N GLN A 108 -19.17 -7.90 -20.52
CA GLN A 108 -18.00 -8.62 -21.00
C GLN A 108 -17.05 -8.81 -19.82
N ARG A 109 -16.47 -10.01 -19.74
CA ARG A 109 -15.48 -10.26 -18.70
C ARG A 109 -14.32 -9.27 -18.83
N SER A 110 -13.78 -8.89 -17.69
CA SER A 110 -12.58 -8.05 -17.66
C SER A 110 -11.73 -8.50 -16.48
N THR A 111 -10.45 -8.14 -16.52
CA THR A 111 -9.50 -8.46 -15.45
C THR A 111 -8.85 -7.18 -14.97
N ALA A 112 -9.01 -6.87 -13.68
CA ALA A 112 -8.47 -5.63 -13.12
C ALA A 112 -7.44 -5.97 -12.06
N ILE A 113 -6.24 -5.41 -12.19
CA ILE A 113 -5.20 -5.58 -11.20
C ILE A 113 -4.99 -4.26 -10.47
N PHE A 114 -5.10 -4.30 -9.14
CA PHE A 114 -4.74 -3.16 -8.29
C PHE A 114 -3.32 -3.36 -7.77
N PHE A 115 -2.43 -2.43 -8.09
CA PHE A 115 -1.04 -2.53 -7.72
C PHE A 115 -0.77 -1.69 -6.48
N TYR A 116 -0.23 -2.30 -5.43
CA TYR A 116 0.04 -1.60 -4.18
C TYR A 116 1.53 -1.65 -3.86
N CYS A 117 2.03 -0.58 -3.27
CA CYS A 117 3.42 -0.52 -2.89
C CYS A 117 3.73 -1.58 -1.84
N ASP A 118 4.91 -2.19 -1.97
CA ASP A 118 5.32 -3.26 -1.07
C ASP A 118 6.81 -3.17 -0.89
N ARG A 119 7.29 -3.71 0.23
CA ARG A 119 8.73 -3.80 0.47
C ARG A 119 9.41 -4.64 -0.60
N GLY A 120 8.75 -5.67 -1.10
CA GLY A 120 9.33 -6.52 -2.11
C GLY A 120 8.32 -6.77 -3.22
N THR A 121 8.12 -8.02 -3.59
CA THR A 121 7.06 -8.35 -4.53
C THR A 121 6.42 -9.66 -4.10
N GLN A 122 5.13 -9.61 -3.78
CA GLN A 122 4.36 -10.79 -3.42
C GLN A 122 3.56 -11.28 -4.62
N ARG A 123 3.20 -12.56 -4.60
CA ARG A 123 2.39 -13.09 -5.67
C ARG A 123 1.03 -12.39 -5.67
N PRO A 124 0.45 -12.13 -6.84
CA PRO A 124 -0.87 -11.51 -6.87
C PRO A 124 -1.92 -12.47 -6.37
N VAL A 125 -3.00 -11.92 -5.84
CA VAL A 125 -4.04 -12.71 -5.21
C VAL A 125 -5.38 -12.31 -5.81
N PHE A 126 -6.21 -13.31 -6.11
CA PHE A 126 -7.58 -13.07 -6.54
C PHE A 126 -8.42 -12.56 -5.37
N LEU A 127 -9.15 -11.48 -5.59
CA LEU A 127 -10.00 -10.88 -4.56
C LEU A 127 -11.45 -11.32 -4.70
N LYS A 128 -12.07 -11.02 -5.83
CA LYS A 128 -13.50 -11.22 -6.02
C LYS A 128 -13.83 -10.95 -7.48
N GLU A 129 -15.01 -11.40 -7.88
CA GLU A 129 -15.59 -11.08 -9.18
C GLU A 129 -16.75 -10.13 -8.97
N THR A 130 -16.73 -9.00 -9.68
CA THR A 130 -17.80 -8.02 -9.54
C THR A 130 -19.05 -8.50 -10.29
N SER A 131 -20.16 -7.78 -10.07
CA SER A 131 -21.40 -8.19 -10.72
C SER A 131 -21.34 -8.01 -12.23
N ASP A 132 -20.43 -7.18 -12.74
CA ASP A 132 -20.24 -7.04 -14.19
C ASP A 132 -19.16 -7.98 -14.74
N CYS A 133 -18.77 -8.99 -13.97
CA CYS A 133 -17.81 -10.03 -14.39
C CYS A 133 -16.40 -9.45 -14.55
N SER A 134 -16.03 -8.53 -13.67
CA SER A 134 -14.65 -8.09 -13.57
C SER A 134 -13.94 -8.89 -12.49
N TYR A 135 -12.84 -9.53 -12.87
CA TYR A 135 -12.05 -10.34 -11.95
C TYR A 135 -11.00 -9.44 -11.33
N LEU A 136 -11.11 -9.23 -10.01
CA LEU A 136 -10.25 -8.30 -9.29
C LEU A 136 -9.10 -9.03 -8.63
N PHE A 137 -7.89 -8.52 -8.84
CA PHE A 137 -6.67 -9.05 -8.23
C PHE A 137 -5.93 -7.92 -7.53
N GLU A 138 -5.23 -8.26 -6.47
CA GLU A 138 -4.30 -7.33 -5.86
C GLU A 138 -2.89 -7.85 -6.07
N TRP A 139 -1.97 -6.94 -6.35
CA TRP A 139 -0.58 -7.30 -6.57
C TRP A 139 0.29 -6.33 -5.79
N ARG A 140 0.94 -6.82 -4.73
CA ARG A 140 1.76 -5.99 -3.85
C ARG A 140 3.19 -6.05 -4.39
N THR A 141 3.67 -4.93 -4.89
CA THR A 141 4.97 -4.92 -5.54
C THR A 141 5.67 -3.59 -5.34
N GLN A 142 6.97 -3.67 -5.08
CA GLN A 142 7.81 -2.49 -4.98
C GLN A 142 7.73 -1.60 -6.22
N TYR A 143 7.36 -2.16 -7.38
CA TYR A 143 7.26 -1.32 -8.57
C TYR A 143 6.16 -0.26 -8.43
N ALA A 144 5.20 -0.46 -7.53
CA ALA A 144 4.12 0.49 -7.30
C ALA A 144 4.44 1.54 -6.25
N CYS A 145 5.71 1.68 -5.83
CA CYS A 145 6.07 2.56 -4.73
C CYS A 145 6.56 3.91 -5.25
N PRO A 146 5.97 5.02 -4.87
CA PRO A 146 6.65 6.32 -5.06
C PRO A 146 7.79 6.44 -4.05
N PRO A 147 8.71 7.38 -4.24
CA PRO A 147 9.84 7.50 -3.33
C PRO A 147 9.36 7.78 -1.91
N PHE A 148 10.07 7.20 -0.94
CA PHE A 148 9.80 7.47 0.46
C PHE A 148 11.10 7.50 1.25
N ASP A 149 11.07 8.24 2.36
CA ASP A 149 12.18 8.28 3.30
C ASP A 149 12.13 7.06 4.22
N LEU A 150 13.31 6.58 4.60
CA LEU A 150 13.39 5.37 5.43
C LEU A 150 14.59 5.47 6.34
N THR A 151 14.42 5.08 7.60
CA THR A 151 15.51 5.01 8.55
C THR A 151 15.63 3.59 9.09
N GLU A 152 16.83 3.25 9.56
CA GLU A 152 17.02 2.06 10.38
C GLU A 152 16.00 2.02 11.52
N CYS A 153 15.46 0.83 11.77
CA CYS A 153 14.37 0.65 12.73
C CYS A 153 14.71 -0.39 13.81
N SER A 154 15.95 -0.87 13.84
CA SER A 154 16.42 -1.78 14.86
C SER A 154 17.37 -1.04 15.79
N PHE A 155 17.49 -1.55 17.02
CA PHE A 155 18.25 -0.85 18.04
C PHE A 155 18.45 -1.80 19.21
N LYS A 156 19.31 -1.39 20.12
CA LYS A 156 19.60 -2.15 21.33
C LYS A 156 19.37 -1.26 22.55
N ASP A 157 19.24 -1.90 23.71
CA ASP A 157 19.23 -1.16 24.97
C ASP A 157 20.61 -1.25 25.60
N GLY A 158 20.75 -0.60 26.77
CA GLY A 158 22.03 -0.57 27.45
C GLY A 158 22.51 -1.92 27.93
N ALA A 159 21.59 -2.88 28.09
CA ALA A 159 21.94 -4.23 28.53
C ALA A 159 22.31 -5.15 27.38
N GLY A 160 22.22 -4.69 26.14
CA GLY A 160 22.54 -5.51 24.99
C GLY A 160 21.35 -6.24 24.38
N ASN A 161 20.15 -6.08 24.92
CA ASN A 161 18.96 -6.65 24.30
C ASN A 161 18.70 -5.98 22.95
N SER A 162 18.18 -6.76 22.00
CA SER A 162 17.95 -6.30 20.63
C SER A 162 16.47 -6.07 20.38
N PHE A 163 16.17 -5.04 19.58
CA PHE A 163 14.79 -4.68 19.27
C PHE A 163 14.69 -4.34 17.79
N ASP A 164 13.50 -4.54 17.23
CA ASP A 164 13.28 -4.25 15.82
C ASP A 164 11.81 -3.91 15.60
N LEU A 165 11.53 -2.67 15.19
CA LEU A 165 10.18 -2.22 14.91
C LEU A 165 9.86 -2.24 13.42
N SER A 166 10.73 -2.82 12.60
CA SER A 166 10.58 -2.75 11.14
C SER A 166 9.27 -3.35 10.65
N SER A 167 8.73 -4.34 11.36
CA SER A 167 7.50 -4.96 10.85
C SER A 167 6.29 -4.04 10.98
N LEU A 168 6.40 -2.95 11.74
CA LEU A 168 5.34 -1.94 11.79
C LEU A 168 5.43 -0.94 10.65
N SER A 169 6.52 -0.96 9.88
CA SER A 169 6.60 -0.13 8.68
C SER A 169 5.63 -0.67 7.64
N ARG A 170 4.72 0.18 7.17
CA ARG A 170 3.67 -0.26 6.26
C ARG A 170 3.85 0.42 4.92
N TYR A 171 3.77 -0.35 3.84
CA TYR A 171 4.13 0.18 2.54
C TYR A 171 2.94 0.57 1.68
N SER A 172 1.77 -0.05 1.89
CA SER A 172 0.59 0.20 1.08
C SER A 172 -0.49 0.94 1.84
N ASP A 173 -0.36 1.07 3.15
CA ASP A 173 -1.33 1.82 3.93
C ASP A 173 -0.61 2.43 5.12
N ASN A 174 -1.37 3.07 6.00
CA ASN A 174 -0.82 3.74 7.17
C ASN A 174 -1.61 3.36 8.39
N TRP A 175 -0.99 3.56 9.55
CA TRP A 175 -1.68 3.36 10.82
C TRP A 175 -2.57 4.54 11.10
N GLU A 176 -3.82 4.28 11.46
CA GLU A 176 -4.72 5.32 11.93
C GLU A 176 -4.69 5.30 13.46
N ALA A 177 -4.27 6.41 14.04
CA ALA A 177 -4.20 6.48 15.50
C ALA A 177 -5.60 6.39 16.08
N ILE A 178 -5.67 5.89 17.31
CA ILE A 178 -6.91 5.84 18.06
C ILE A 178 -7.05 7.13 18.85
N THR A 179 -8.12 7.87 18.58
CA THR A 179 -8.50 9.06 19.33
C THR A 179 -9.81 8.78 20.07
N GLY A 180 -10.25 9.76 20.84
CA GLY A 180 -11.59 9.68 21.39
C GLY A 180 -12.63 9.60 20.28
N THR A 181 -13.76 8.95 20.59
CA THR A 181 -14.81 8.81 19.58
C THR A 181 -15.37 10.15 19.14
N GLY A 182 -15.25 11.18 19.97
CA GLY A 182 -15.74 12.49 19.60
C GLY A 182 -14.81 13.33 18.76
N ASP A 183 -13.56 12.91 18.60
CA ASP A 183 -12.56 13.72 17.91
C ASP A 183 -12.89 13.86 16.43
N PRO A 184 -13.13 15.07 15.92
CA PRO A 184 -13.37 15.21 14.47
C PRO A 184 -12.12 15.05 13.64
N GLU A 185 -10.93 15.14 14.24
CA GLU A 185 -9.68 14.97 13.51
C GLU A 185 -9.21 13.53 13.60
N HIS A 186 -8.39 13.13 12.63
CA HIS A 186 -7.73 11.84 12.75
C HIS A 186 -6.28 11.98 12.30
N TYR A 187 -5.49 11.02 12.73
CA TYR A 187 -4.04 11.02 12.55
C TYR A 187 -3.64 9.77 11.80
N LEU A 188 -2.79 9.93 10.80
CA LEU A 188 -2.14 8.84 10.10
C LEU A 188 -0.66 8.84 10.48
N ILE A 189 -0.12 7.66 10.72
CA ILE A 189 1.23 7.49 11.22
C ILE A 189 1.86 6.32 10.48
N ASN A 190 3.16 6.42 10.20
CA ASN A 190 3.94 5.27 9.80
C ASN A 190 5.18 5.17 10.69
N VAL A 191 5.92 4.08 10.53
CA VAL A 191 6.99 3.72 11.46
C VAL A 191 8.29 3.60 10.67
N CYS A 192 9.24 4.49 10.96
CA CYS A 192 10.56 4.53 10.33
C CYS A 192 10.51 4.79 8.84
N LYS A 193 9.38 5.23 8.33
CA LYS A 193 9.29 5.65 6.92
C LYS A 193 8.20 6.71 6.79
N SER A 194 8.26 7.46 5.70
CA SER A 194 7.18 8.41 5.46
C SER A 194 5.91 7.64 5.09
N LEU A 195 4.79 8.37 5.08
CA LEU A 195 3.49 7.73 4.89
C LEU A 195 3.40 7.05 3.52
N ALA A 196 2.72 5.90 3.52
CA ALA A 196 2.35 5.24 2.27
C ALA A 196 1.34 6.09 1.51
N PRO A 197 1.30 5.96 0.18
CA PRO A 197 0.34 6.73 -0.61
C PRO A 197 -1.09 6.47 -0.14
N GLN A 198 -1.91 7.51 -0.22
CA GLN A 198 -3.30 7.46 0.21
C GLN A 198 -4.23 7.64 -0.97
N ALA A 199 -5.36 6.96 -0.92
CA ALA A 199 -6.38 7.21 -1.92
C ALA A 199 -7.12 8.51 -1.60
N GLY A 200 -7.69 9.10 -2.63
CA GLY A 200 -8.49 10.30 -2.47
C GLY A 200 -7.84 11.48 -3.16
N THR A 201 -8.40 12.66 -2.90
CA THR A 201 -7.97 13.89 -3.54
C THR A 201 -7.26 14.84 -2.60
N GLU A 202 -7.04 14.43 -1.35
CA GLU A 202 -6.47 15.31 -0.33
C GLU A 202 -5.35 14.58 0.41
N PRO A 203 -4.29 14.20 -0.28
CA PRO A 203 -3.25 13.39 0.36
C PRO A 203 -2.37 14.24 1.27
N CYS A 204 -1.70 13.55 2.19
CA CYS A 204 -0.76 14.21 3.08
C CYS A 204 0.50 14.59 2.31
N PRO A 205 1.24 15.59 2.79
CA PRO A 205 2.52 15.94 2.17
C PRO A 205 3.40 14.71 2.02
N PRO A 206 4.12 14.59 0.90
CA PRO A 206 4.88 13.36 0.65
C PRO A 206 5.97 13.09 1.67
N GLU A 207 6.51 14.14 2.29
CA GLU A 207 7.59 14.03 3.27
C GLU A 207 7.09 13.68 4.67
N ALA A 208 5.78 13.68 4.89
CA ALA A 208 5.27 13.44 6.23
C ALA A 208 5.38 11.95 6.59
N ALA A 209 5.83 11.68 7.82
CA ALA A 209 5.71 10.38 8.45
C ALA A 209 4.56 10.33 9.44
N ALA A 210 3.94 11.49 9.73
CA ALA A 210 2.77 11.59 10.56
C ALA A 210 1.97 12.79 10.06
N CYS A 211 0.65 12.67 10.07
CA CYS A 211 -0.18 13.68 9.43
C CYS A 211 -1.49 13.83 10.17
N LEU A 212 -1.98 15.06 10.24
CA LEU A 212 -3.26 15.40 10.85
C LEU A 212 -4.25 15.72 9.75
N LEU A 213 -5.35 14.98 9.72
CA LEU A 213 -6.42 15.16 8.74
C LEU A 213 -7.67 15.65 9.43
N GLY A 214 -8.52 16.37 8.69
CA GLY A 214 -9.79 16.85 9.18
C GLY A 214 -9.96 18.35 9.08
N GLY A 215 -8.85 19.08 9.07
CA GLY A 215 -8.89 20.53 8.86
C GLY A 215 -9.14 20.87 7.41
N SER A 216 -8.84 22.12 7.05
CA SER A 216 -9.02 22.54 5.67
C SER A 216 -8.04 21.84 4.73
N LYS A 217 -6.85 21.53 5.21
CA LYS A 217 -5.79 20.90 4.44
C LYS A 217 -5.03 19.95 5.36
N PRO A 218 -4.48 18.85 4.82
CA PRO A 218 -3.67 17.95 5.64
C PRO A 218 -2.44 18.64 6.17
N VAL A 219 -2.05 18.28 7.39
CA VAL A 219 -0.94 18.90 8.11
C VAL A 219 0.15 17.87 8.35
N ASN A 220 1.39 18.21 7.99
CA ASN A 220 2.57 17.39 8.20
C ASN A 220 3.04 17.54 9.65
N LEU A 221 3.02 16.44 10.42
CA LEU A 221 3.40 16.47 11.83
C LEU A 221 4.81 16.01 12.08
N GLY A 222 5.62 15.88 11.04
CA GLY A 222 7.01 15.48 11.20
C GLY A 222 7.48 14.54 10.12
N ARG A 223 8.76 14.64 9.80
CA ARG A 223 9.45 13.79 8.82
C ARG A 223 10.39 12.82 9.53
N VAL A 224 10.77 11.77 8.81
CA VAL A 224 11.70 10.80 9.34
C VAL A 224 13.05 11.46 9.55
N ARG A 225 13.70 11.14 10.67
CA ARG A 225 15.05 11.63 10.92
C ARG A 225 15.92 10.47 11.38
N ASP A 226 15.86 10.10 12.66
CA ASP A 226 16.62 8.99 13.19
C ASP A 226 15.69 7.87 13.63
N GLY A 227 16.26 6.67 13.76
CA GLY A 227 15.48 5.54 14.16
C GLY A 227 15.10 5.58 15.63
N PRO A 228 14.33 4.58 16.04
CA PRO A 228 13.91 4.53 17.45
C PRO A 228 15.05 4.17 18.37
N GLN A 229 14.97 4.66 19.60
CA GLN A 229 16.00 4.42 20.59
C GLN A 229 15.37 4.41 21.98
N TRP A 230 16.05 3.72 22.91
CA TRP A 230 15.69 3.77 24.32
C TRP A 230 16.17 5.09 24.90
N ARG A 231 15.25 5.90 25.42
CA ARG A 231 15.57 7.17 26.06
C ARG A 231 14.84 7.25 27.39
N ASP A 232 15.60 7.39 28.47
CA ASP A 232 15.03 7.53 29.83
C ASP A 232 14.09 6.37 30.17
N GLY A 233 14.44 5.17 29.73
CA GLY A 233 13.68 3.98 30.07
C GLY A 233 12.46 3.73 29.22
N ILE A 234 12.32 4.43 28.08
CA ILE A 234 11.20 4.23 27.18
C ILE A 234 11.74 4.23 25.75
N ILE A 235 11.17 3.36 24.91
CA ILE A 235 11.46 3.38 23.47
C ILE A 235 10.74 4.57 22.85
N VAL A 236 11.49 5.43 22.17
CA VAL A 236 10.94 6.64 21.57
C VAL A 236 11.38 6.74 20.12
N LEU A 237 10.44 7.12 19.26
CA LEU A 237 10.68 7.48 17.87
C LEU A 237 10.18 8.90 17.67
N LYS A 238 11.02 9.76 17.10
CA LYS A 238 10.66 11.16 16.94
C LYS A 238 10.69 11.54 15.46
N TYR A 239 9.64 12.22 15.02
CA TYR A 239 9.57 12.82 13.69
C TYR A 239 9.65 14.33 13.85
N VAL A 240 10.39 15.00 12.97
CA VAL A 240 10.68 16.42 13.13
C VAL A 240 10.46 17.15 11.81
N ASP A 241 10.45 18.48 11.90
CA ASP A 241 10.42 19.36 10.73
C ASP A 241 9.14 19.14 9.92
N GLY A 242 8.01 19.06 10.61
CA GLY A 242 6.73 19.15 9.96
C GLY A 242 6.39 20.58 9.59
N ASP A 243 5.11 20.81 9.33
CA ASP A 243 4.66 22.15 8.99
C ASP A 243 4.96 23.13 10.13
N LEU A 244 5.03 24.42 9.79
CA LEU A 244 5.34 25.44 10.79
C LEU A 244 4.32 25.42 11.92
N CYS A 245 4.81 25.49 13.14
CA CYS A 245 3.91 25.69 14.27
C CYS A 245 3.29 27.08 14.20
N PRO A 246 2.16 27.31 14.89
CA PRO A 246 1.50 28.61 14.82
C PRO A 246 2.34 29.76 15.35
N ASP A 247 3.33 29.48 16.22
CA ASP A 247 4.20 30.55 16.69
C ASP A 247 5.17 31.01 15.61
N GLY A 248 5.28 30.28 14.51
CA GLY A 248 6.04 30.75 13.37
C GLY A 248 7.52 30.53 13.46
N ILE A 249 8.03 29.96 14.55
CA ILE A 249 9.44 29.64 14.68
C ILE A 249 9.66 28.13 14.63
N ARG A 250 8.97 27.39 15.49
CA ARG A 250 9.15 25.95 15.54
C ARG A 250 8.40 25.27 14.40
N LYS A 251 8.85 24.06 14.06
CA LYS A 251 8.16 23.16 13.14
C LYS A 251 7.57 21.98 13.91
N LYS A 252 6.42 21.50 13.45
CA LYS A 252 5.71 20.47 14.19
C LYS A 252 6.57 19.21 14.34
N SER A 253 6.40 18.52 15.46
CA SER A 253 7.10 17.26 15.67
C SER A 253 6.17 16.27 16.35
N THR A 254 6.52 15.00 16.21
CA THR A 254 5.72 13.88 16.70
C THR A 254 6.63 12.94 17.45
N THR A 255 6.23 12.58 18.67
CA THR A 255 6.91 11.57 19.46
C THR A 255 5.99 10.35 19.63
N ILE A 256 6.50 9.17 19.32
CA ILE A 256 5.79 7.92 19.56
C ILE A 256 6.54 7.16 20.64
N ARG A 257 5.85 6.91 21.76
CA ARG A 257 6.38 6.09 22.84
C ARG A 257 5.90 4.66 22.67
N PHE A 258 6.83 3.75 22.48
CA PHE A 258 6.50 2.33 22.34
C PHE A 258 6.74 1.64 23.67
N THR A 259 5.89 0.66 23.99
CA THR A 259 6.14 -0.21 25.13
C THR A 259 5.85 -1.65 24.73
N CYS A 260 6.62 -2.58 25.30
CA CYS A 260 6.41 -3.99 25.03
C CYS A 260 5.15 -4.49 25.70
N SER A 261 4.28 -5.14 24.92
CA SER A 261 3.18 -5.91 25.51
C SER A 261 2.92 -7.09 24.58
N GLU A 262 3.31 -8.29 25.02
CA GLU A 262 3.31 -9.47 24.14
C GLU A 262 1.90 -9.79 23.63
N SER A 263 0.86 -9.42 24.39
CA SER A 263 -0.50 -9.70 23.95
C SER A 263 -0.97 -8.75 22.86
N GLN A 264 -0.28 -7.63 22.66
CA GLN A 264 -0.72 -6.55 21.77
C GLN A 264 -0.15 -6.77 20.37
N VAL A 265 -0.75 -7.72 19.64
CA VAL A 265 -0.23 -8.08 18.33
C VAL A 265 -0.87 -7.32 17.18
N ASN A 266 -2.06 -6.76 17.37
CA ASN A 266 -2.66 -5.94 16.33
C ASN A 266 -3.11 -4.59 16.88
N SER A 267 -2.29 -4.01 17.75
CA SER A 267 -2.60 -2.73 18.36
C SER A 267 -2.37 -1.59 17.36
N ARG A 268 -2.96 -0.45 17.68
CA ARG A 268 -2.75 0.78 16.94
C ARG A 268 -2.19 1.85 17.87
N PRO A 269 -1.43 2.80 17.34
CA PRO A 269 -0.96 3.91 18.18
C PRO A 269 -2.15 4.68 18.73
N MET A 270 -2.00 5.16 19.97
CA MET A 270 -3.04 5.94 20.62
C MET A 270 -2.62 7.40 20.69
N PHE A 271 -3.50 8.30 20.26
CA PHE A 271 -3.22 9.72 20.37
C PHE A 271 -3.24 10.14 21.83
N ILE A 272 -2.18 10.79 22.29
CA ILE A 272 -2.07 11.22 23.69
C ILE A 272 -2.30 12.72 23.83
N SER A 273 -1.56 13.54 23.07
CA SER A 273 -1.67 14.98 23.30
C SER A 273 -1.15 15.74 22.09
N ALA A 274 -1.69 16.95 21.94
CA ALA A 274 -1.16 17.96 21.03
C ALA A 274 -1.02 19.25 21.82
N VAL A 275 0.21 19.75 21.91
CA VAL A 275 0.49 20.95 22.70
C VAL A 275 0.83 22.08 21.73
N GLU A 276 0.07 23.18 21.83
CA GLU A 276 0.32 24.39 21.07
C GLU A 276 0.32 24.15 19.56
N ASP A 277 -0.45 23.14 19.12
CA ASP A 277 -0.43 22.69 17.72
C ASP A 277 1.00 22.55 17.22
N CYS A 278 1.87 22.07 18.09
CA CYS A 278 3.29 22.01 17.75
C CYS A 278 3.92 20.65 18.07
N GLU A 279 3.76 20.16 19.29
CA GLU A 279 4.34 18.87 19.67
C GLU A 279 3.21 17.85 19.84
N TYR A 280 3.30 16.74 19.10
CA TYR A 280 2.29 15.71 19.11
C TYR A 280 2.87 14.46 19.75
N THR A 281 2.06 13.78 20.57
CA THR A 281 2.53 12.63 21.32
C THR A 281 1.57 11.48 21.14
N PHE A 282 2.12 10.30 20.84
CA PHE A 282 1.38 9.06 20.71
C PHE A 282 2.01 8.00 21.59
N ALA A 283 1.19 7.04 22.02
CA ALA A 283 1.66 5.91 22.82
C ALA A 283 1.21 4.64 22.13
N TRP A 284 2.08 3.64 22.11
CA TRP A 284 1.83 2.42 21.35
C TRP A 284 2.36 1.20 22.10
N PRO A 285 1.50 0.50 22.84
CA PRO A 285 1.87 -0.81 23.38
C PRO A 285 1.77 -1.86 22.28
N THR A 286 2.84 -2.62 22.07
CA THR A 286 2.89 -3.54 20.93
C THR A 286 3.82 -4.69 21.24
N ALA A 287 3.43 -5.89 20.80
CA ALA A 287 4.31 -7.05 20.96
C ALA A 287 5.59 -6.89 20.17
N THR A 288 5.59 -6.04 19.16
CA THR A 288 6.76 -5.84 18.33
C THR A 288 7.88 -5.13 19.09
N ALA A 289 7.55 -4.41 20.17
CA ALA A 289 8.55 -3.68 20.94
C ALA A 289 9.19 -4.52 22.05
N CYS A 290 8.91 -5.81 22.09
CA CYS A 290 9.47 -6.69 23.12
C CYS A 290 10.87 -7.13 22.73
N PRO A 291 11.73 -7.44 23.70
CA PRO A 291 13.08 -7.89 23.36
C PRO A 291 13.05 -9.13 22.48
N MET A 292 13.92 -9.14 21.47
CA MET A 292 14.04 -10.32 20.63
C MET A 292 14.84 -11.39 21.36
N LYS A 293 14.57 -12.65 21.01
CA LYS A 293 15.08 -13.78 21.78
C LYS A 293 16.54 -14.08 21.46
#